data_4RDC
#
_entry.id   4RDC
#
_cell.length_a   35.011
_cell.length_b   113.357
_cell.length_c   40.404
_cell.angle_alpha   90.00
_cell.angle_beta   105.94
_cell.angle_gamma   90.00
#
_symmetry.space_group_name_H-M   'P 1 21 1'
#
loop_
_entity.id
_entity.type
_entity.pdbx_description
1 polymer 'Amino acid/amide ABC transporter substrate-binding protein, HAAT family'
2 non-polymer PROLINE
3 non-polymer 'MAGNESIUM ION'
4 non-polymer GLYCEROL
5 non-polymer 'FORMIC ACID'
6 water water
#
_entity_poly.entity_id   1
_entity_poly.type   'polypeptide(L)'
_entity_poly.pdbx_seq_one_letter_code
;SNATNTDTNSTNNSPNNTTNTTTNVTTTSDKNTIPIGIALAQTSNVALLGQEQVAGAKIAEKYFNDKGGVNGTPIKLIFQ
DTAGDEAGTINAFQTLINKDKVVGIVGPTLSQQAFSANPIAERAKVPVVGPSNTAKGIPEIGDYVARVSAPVSVVAPNSV
KAALKQNPNIKKVAVFFAQNDAFSKSETEIFQQTVKDQGLELVTVQKFQTTDTDFQSQATNAINLKPDLVIISGLAADGG
NLVRQLRELGYQGAIIGGDGLNTSNVFAVCKALCDGVLIAQAYSPEYTGEINKAFRQAYVDQYKKEPPQFSAQAFAAVQV
YVESLKALDTKNKVSKIQLPELRTELNKQLLTGKYNTPLGEISFTPIGEVVQKDFYVAQIK(MSE)EKDGSQGKFTFLK
;
_entity_poly.pdbx_strand_id   A
#
loop_
_chem_comp.id
_chem_comp.type
_chem_comp.name
_chem_comp.formula
FMT non-polymer 'FORMIC ACID' 'C H2 O2'
GOL non-polymer GLYCEROL 'C3 H8 O3'
MG non-polymer 'MAGNESIUM ION' 'Mg 2'
#
# COMPACT_ATOMS: atom_id res chain seq x y z
N ASN A 32 -11.29 29.63 5.60
CA ASN A 32 -12.15 28.45 5.72
C ASN A 32 -11.67 27.29 4.86
N THR A 33 -11.60 26.10 5.47
CA THR A 33 -11.01 24.94 4.82
C THR A 33 -11.84 23.68 5.03
N ILE A 34 -11.55 22.66 4.23
CA ILE A 34 -12.22 21.37 4.35
C ILE A 34 -11.24 20.35 4.94
N PRO A 35 -11.52 19.87 6.16
CA PRO A 35 -10.58 18.98 6.85
C PRO A 35 -10.71 17.52 6.41
N ILE A 36 -9.60 16.96 5.94
CA ILE A 36 -9.54 15.56 5.56
C ILE A 36 -8.52 14.89 6.46
N GLY A 37 -8.93 13.81 7.12
CA GLY A 37 -8.07 13.13 8.06
C GLY A 37 -7.12 12.17 7.38
N ILE A 38 -5.87 12.16 7.84
CA ILE A 38 -4.88 11.24 7.34
C ILE A 38 -4.38 10.43 8.53
N ALA A 39 -4.68 9.14 8.53
CA ALA A 39 -4.35 8.24 9.64
C ALA A 39 -3.39 7.19 9.12
N LEU A 40 -2.10 7.40 9.33
CA LEU A 40 -1.07 6.55 8.78
C LEU A 40 -0.06 6.22 9.87
N ALA A 41 0.74 5.20 9.63
CA ALA A 41 1.82 4.86 10.54
C ALA A 41 2.98 5.84 10.34
N GLN A 42 2.96 6.92 11.10
CA GLN A 42 4.04 7.91 11.06
C GLN A 42 5.21 7.48 11.91
N THR A 43 4.93 6.66 12.92
CA THR A 43 5.94 6.12 13.83
C THR A 43 5.85 4.60 13.84
N SER A 44 6.84 3.96 14.47
CA SER A 44 7.04 2.50 14.56
C SER A 44 7.74 1.96 13.31
N ASN A 45 8.10 0.67 13.34
CA ASN A 45 8.66 0.04 12.14
C ASN A 45 7.70 0.06 10.95
N VAL A 46 6.40 0.21 11.22
CA VAL A 46 5.43 0.29 10.13
C VAL A 46 5.60 1.60 9.35
N ALA A 47 6.23 2.59 9.98
CA ALA A 47 6.51 3.85 9.30
C ALA A 47 7.49 3.73 8.13
N LEU A 48 8.21 2.61 8.02
CA LEU A 48 8.99 2.39 6.80
C LEU A 48 8.08 2.43 5.58
N LEU A 49 6.83 2.00 5.77
CA LEU A 49 5.81 2.10 4.73
C LEU A 49 5.05 3.42 4.85
N GLY A 50 4.63 3.74 6.08
CA GLY A 50 3.76 4.87 6.30
C GLY A 50 4.34 6.21 5.87
N GLN A 51 5.64 6.39 6.05
CA GLN A 51 6.24 7.67 5.68
C GLN A 51 6.18 7.95 4.18
N GLU A 52 6.19 6.90 3.35
CA GLU A 52 5.99 7.10 1.92
C GLU A 52 4.59 7.63 1.64
N GLN A 53 3.63 7.17 2.43
CA GLN A 53 2.26 7.61 2.30
C GLN A 53 2.10 9.05 2.75
N VAL A 54 2.74 9.42 3.86
CA VAL A 54 2.75 10.80 4.30
C VAL A 54 3.32 11.70 3.18
N ALA A 55 4.41 11.26 2.57
CA ALA A 55 5.03 12.04 1.50
C ALA A 55 4.06 12.25 0.34
N GLY A 56 3.35 11.20 -0.07
CA GLY A 56 2.41 11.34 -1.16
C GLY A 56 1.22 12.22 -0.82
N ALA A 57 0.73 12.10 0.41
CA ALA A 57 -0.38 12.92 0.88
C ALA A 57 -0.01 14.41 0.91
N LYS A 58 1.20 14.72 1.37
CA LYS A 58 1.65 16.10 1.41
C LYS A 58 1.78 16.69 0.01
N ILE A 59 2.27 15.89 -0.94
CA ILE A 59 2.36 16.35 -2.32
C ILE A 59 0.96 16.60 -2.87
N ALA A 60 0.01 15.74 -2.55
CA ALA A 60 -1.37 15.92 -2.99
C ALA A 60 -1.98 17.21 -2.43
N GLU A 61 -1.74 17.48 -1.15
CA GLU A 61 -2.31 18.67 -0.55
C GLU A 61 -1.84 19.92 -1.28
N LYS A 62 -0.54 20.02 -1.52
CA LYS A 62 0.00 21.19 -2.22
C LYS A 62 -0.51 21.24 -3.65
N TYR A 63 -0.50 20.10 -4.35
CA TYR A 63 -0.95 20.05 -5.74
C TYR A 63 -2.39 20.53 -5.88
N PHE A 64 -3.29 19.95 -5.09
CA PHE A 64 -4.70 20.28 -5.23
C PHE A 64 -5.04 21.68 -4.75
N ASN A 65 -4.39 22.13 -3.68
CA ASN A 65 -4.60 23.50 -3.23
C ASN A 65 -4.04 24.53 -4.20
N ASP A 66 -2.91 24.22 -4.84
CA ASP A 66 -2.36 25.12 -5.86
C ASP A 66 -3.30 25.25 -7.05
N LYS A 67 -4.14 24.25 -7.26
CA LYS A 67 -5.12 24.25 -8.35
C LYS A 67 -6.48 24.78 -7.89
N GLY A 68 -6.52 25.39 -6.71
CA GLY A 68 -7.73 26.03 -6.23
C GLY A 68 -8.50 25.25 -5.17
N GLY A 69 -7.97 24.12 -4.74
CA GLY A 69 -8.66 23.29 -3.76
C GLY A 69 -9.99 22.81 -4.29
N VAL A 70 -11.05 22.99 -3.50
CA VAL A 70 -12.39 22.62 -3.92
C VAL A 70 -13.11 23.88 -4.39
N ASN A 71 -12.94 24.19 -5.68
CA ASN A 71 -13.54 25.36 -6.29
C ASN A 71 -13.32 26.64 -5.49
N GLY A 72 -12.10 26.81 -4.99
CA GLY A 72 -11.76 28.00 -4.23
C GLY A 72 -11.55 27.76 -2.75
N THR A 73 -12.14 26.69 -2.23
CA THR A 73 -12.01 26.38 -0.81
C THR A 73 -10.87 25.38 -0.62
N PRO A 74 -9.81 25.77 0.10
CA PRO A 74 -8.69 24.85 0.28
C PRO A 74 -9.05 23.64 1.13
N ILE A 75 -8.39 22.52 0.88
CA ILE A 75 -8.46 21.40 1.80
C ILE A 75 -7.38 21.57 2.86
N LYS A 76 -7.57 20.91 3.99
CA LYS A 76 -6.55 20.88 5.04
C LYS A 76 -6.41 19.44 5.48
N LEU A 77 -5.23 18.88 5.29
CA LEU A 77 -4.98 17.53 5.76
C LEU A 77 -4.64 17.59 7.24
N ILE A 78 -5.30 16.76 8.02
CA ILE A 78 -5.04 16.67 9.45
C ILE A 78 -4.47 15.30 9.71
N PHE A 79 -3.21 15.26 10.14
CA PHE A 79 -2.52 14.00 10.35
C PHE A 79 -2.67 13.53 11.79
N GLN A 80 -3.06 12.28 11.98
CA GLN A 80 -3.01 11.63 13.29
C GLN A 80 -2.30 10.31 13.15
N ASP A 81 -1.16 10.20 13.82
CA ASP A 81 -0.33 9.00 13.77
C ASP A 81 -1.09 7.83 14.36
N THR A 82 -1.02 6.68 13.68
CA THR A 82 -1.60 5.44 14.19
C THR A 82 -0.59 4.56 14.92
N ALA A 83 0.70 4.87 14.78
CA ALA A 83 1.76 3.93 15.13
C ALA A 83 1.55 2.60 14.39
N GLY A 84 2.04 1.50 14.96
CA GLY A 84 2.03 0.24 14.25
C GLY A 84 1.03 -0.79 14.72
N ASP A 85 0.19 -0.42 15.68
CA ASP A 85 -0.70 -1.38 16.33
C ASP A 85 -2.17 -1.03 16.13
N GLU A 86 -3.05 -1.91 16.61
CA GLU A 86 -4.47 -1.66 16.51
C GLU A 86 -4.88 -0.51 17.42
N ALA A 87 -4.38 -0.50 18.66
CA ALA A 87 -4.76 0.52 19.62
C ALA A 87 -4.47 1.93 19.10
N GLY A 88 -3.31 2.10 18.48
CA GLY A 88 -2.94 3.40 17.97
C GLY A 88 -3.86 3.82 16.82
N THR A 89 -4.34 2.85 16.05
CA THR A 89 -5.18 3.18 14.90
C THR A 89 -6.57 3.58 15.41
N ILE A 90 -7.08 2.85 16.39
CA ILE A 90 -8.34 3.18 17.04
C ILE A 90 -8.28 4.60 17.59
N ASN A 91 -7.19 4.92 18.28
CA ASN A 91 -7.02 6.26 18.82
C ASN A 91 -7.06 7.32 17.71
N ALA A 92 -6.31 7.08 16.64
CA ALA A 92 -6.22 8.05 15.54
C ALA A 92 -7.59 8.29 14.90
N PHE A 93 -8.34 7.22 14.67
CA PHE A 93 -9.65 7.34 14.05
C PHE A 93 -10.61 8.10 14.97
N GLN A 94 -10.63 7.75 16.27
CA GLN A 94 -11.50 8.44 17.22
C GLN A 94 -11.19 9.93 17.25
N THR A 95 -9.91 10.28 17.27
CA THR A 95 -9.49 11.67 17.34
C THR A 95 -9.87 12.43 16.05
N LEU A 96 -9.60 11.83 14.89
CA LEU A 96 -9.94 12.48 13.63
C LEU A 96 -11.43 12.74 13.50
N ILE A 97 -12.23 11.78 13.93
CA ILE A 97 -13.68 11.88 13.80
C ILE A 97 -14.29 12.86 14.79
N ASN A 98 -13.85 12.78 16.04
CA ASN A 98 -14.52 13.48 17.13
C ASN A 98 -13.90 14.82 17.51
N LYS A 99 -12.58 14.91 17.47
CA LYS A 99 -11.89 16.15 17.82
C LYS A 99 -11.61 16.98 16.57
N ASP A 100 -11.09 16.34 15.53
CA ASP A 100 -10.73 17.08 14.32
C ASP A 100 -11.87 17.26 13.33
N LYS A 101 -12.98 16.56 13.57
CA LYS A 101 -14.21 16.73 12.80
C LYS A 101 -13.99 16.62 11.29
N VAL A 102 -13.22 15.61 10.88
CA VAL A 102 -12.87 15.50 9.47
C VAL A 102 -14.03 15.01 8.62
N VAL A 103 -14.01 15.35 7.34
CA VAL A 103 -15.10 14.93 6.45
C VAL A 103 -14.93 13.49 5.96
N GLY A 104 -13.72 12.97 6.06
CA GLY A 104 -13.38 11.63 5.59
C GLY A 104 -11.96 11.34 6.03
N ILE A 105 -11.58 10.06 5.99
CA ILE A 105 -10.27 9.60 6.39
C ILE A 105 -9.58 8.87 5.23
N VAL A 106 -8.29 9.15 5.07
CA VAL A 106 -7.39 8.33 4.27
C VAL A 106 -6.53 7.52 5.24
N GLY A 107 -6.59 6.19 5.14
CA GLY A 107 -5.83 5.33 6.03
C GLY A 107 -6.60 4.06 6.32
N PRO A 108 -6.07 3.21 7.20
CA PRO A 108 -4.75 3.31 7.80
C PRO A 108 -3.72 2.64 6.89
N THR A 109 -2.51 2.43 7.38
CA THR A 109 -1.46 1.81 6.56
C THR A 109 -1.67 0.31 6.38
N LEU A 110 -2.00 -0.39 7.46
CA LEU A 110 -2.08 -1.86 7.40
C LEU A 110 -3.51 -2.36 7.40
N SER A 111 -3.75 -3.44 6.64
CA SER A 111 -5.03 -4.13 6.72
C SER A 111 -5.36 -4.60 8.13
N GLN A 112 -4.34 -5.07 8.87
CA GLN A 112 -4.54 -5.49 10.25
C GLN A 112 -5.18 -4.36 11.06
N GLN A 113 -4.68 -3.15 10.84
CA GLN A 113 -5.19 -1.98 11.53
C GLN A 113 -6.59 -1.58 11.03
N ALA A 114 -6.81 -1.72 9.72
CA ALA A 114 -8.10 -1.39 9.12
C ALA A 114 -9.22 -2.25 9.69
N PHE A 115 -9.00 -3.55 9.81
CA PHE A 115 -10.02 -4.41 10.37
C PHE A 115 -10.40 -4.01 11.80
N SER A 116 -9.43 -3.49 12.54
CA SER A 116 -9.66 -3.12 13.93
CA SER A 116 -9.65 -3.12 13.93
C SER A 116 -10.32 -1.75 14.08
N ALA A 117 -9.94 -0.81 13.22
CA ALA A 117 -10.36 0.58 13.40
C ALA A 117 -11.45 1.08 12.45
N ASN A 118 -11.49 0.56 11.23
CA ASN A 118 -12.50 1.01 10.29
C ASN A 118 -13.95 0.90 10.79
N PRO A 119 -14.28 -0.11 11.62
CA PRO A 119 -15.66 -0.11 12.16
C PRO A 119 -16.03 1.14 12.96
N ILE A 120 -15.05 1.84 13.53
CA ILE A 120 -15.34 3.11 14.20
C ILE A 120 -15.91 4.12 13.21
N ALA A 121 -15.28 4.22 12.05
CA ALA A 121 -15.76 5.12 11.00
C ALA A 121 -17.11 4.66 10.44
N GLU A 122 -17.27 3.35 10.29
CA GLU A 122 -18.53 2.80 9.81
C GLU A 122 -19.68 3.20 10.75
N ARG A 123 -19.46 3.07 12.05
CA ARG A 123 -20.47 3.43 13.04
C ARG A 123 -20.79 4.94 13.02
N ALA A 124 -19.74 5.74 12.81
CA ALA A 124 -19.88 7.20 12.81
C ALA A 124 -20.38 7.73 11.47
N LYS A 125 -20.47 6.84 10.48
CA LYS A 125 -20.83 7.24 9.12
C LYS A 125 -19.86 8.29 8.57
N VAL A 126 -18.58 7.96 8.65
CA VAL A 126 -17.50 8.78 8.11
C VAL A 126 -16.79 7.93 7.06
N PRO A 127 -16.65 8.45 5.83
CA PRO A 127 -15.96 7.62 4.83
C PRO A 127 -14.49 7.38 5.14
N VAL A 128 -14.03 6.19 4.77
CA VAL A 128 -12.62 5.82 4.83
C VAL A 128 -12.20 5.36 3.44
N VAL A 129 -11.06 5.84 2.97
CA VAL A 129 -10.49 5.35 1.72
C VAL A 129 -9.10 4.80 2.07
N GLY A 130 -8.96 3.48 1.93
CA GLY A 130 -7.70 2.83 2.26
C GLY A 130 -6.69 3.00 1.15
N PRO A 131 -5.47 3.45 1.49
CA PRO A 131 -4.47 3.72 0.45
C PRO A 131 -3.53 2.53 0.23
N SER A 132 -3.63 1.48 1.04
CA SER A 132 -2.62 0.42 1.08
C SER A 132 -3.12 -0.78 1.85
N ASN A 133 -4.41 -1.02 1.78
CA ASN A 133 -4.96 -2.14 2.52
C ASN A 133 -5.40 -3.17 1.51
N THR A 134 -4.58 -4.19 1.31
CA THR A 134 -4.75 -5.08 0.16
C THR A 134 -5.21 -6.49 0.55
N ALA A 135 -5.47 -6.72 1.83
CA ALA A 135 -5.98 -8.01 2.29
C ALA A 135 -7.38 -8.26 1.77
N LYS A 136 -7.73 -9.52 1.61
CA LYS A 136 -9.08 -9.89 1.28
C LYS A 136 -10.04 -9.40 2.37
N GLY A 137 -11.17 -8.83 1.96
CA GLY A 137 -12.21 -8.50 2.91
C GLY A 137 -12.30 -7.05 3.35
N ILE A 138 -11.36 -6.21 2.91
CA ILE A 138 -11.35 -4.81 3.34
C ILE A 138 -12.62 -4.04 2.90
N PRO A 139 -12.99 -4.08 1.59
CA PRO A 139 -14.20 -3.35 1.19
C PRO A 139 -15.44 -3.82 1.93
N GLU A 140 -15.45 -5.11 2.26
CA GLU A 140 -16.59 -5.71 2.95
C GLU A 140 -16.72 -5.30 4.43
N ILE A 141 -15.75 -4.57 4.97
CA ILE A 141 -15.91 -4.07 6.33
C ILE A 141 -17.21 -3.29 6.47
N GLY A 142 -17.57 -2.51 5.46
CA GLY A 142 -18.81 -1.77 5.52
C GLY A 142 -18.97 -0.79 4.39
N ASP A 143 -20.15 -0.18 4.33
CA ASP A 143 -20.50 0.70 3.21
CA ASP A 143 -20.47 0.68 3.19
C ASP A 143 -19.86 2.09 3.26
N TYR A 144 -19.06 2.33 4.31
CA TYR A 144 -18.25 3.55 4.41
C TYR A 144 -16.78 3.28 4.16
N VAL A 145 -16.44 2.04 3.79
CA VAL A 145 -15.06 1.66 3.54
C VAL A 145 -14.81 1.36 2.06
N ALA A 146 -13.91 2.12 1.44
CA ALA A 146 -13.48 1.87 0.08
C ALA A 146 -11.95 1.81 0.09
N ARG A 147 -11.35 1.35 -1.00
CA ARG A 147 -9.89 1.37 -1.10
C ARG A 147 -9.45 1.69 -2.52
N VAL A 148 -8.33 2.39 -2.65
CA VAL A 148 -7.72 2.61 -3.96
C VAL A 148 -6.58 1.63 -4.21
N SER A 149 -6.28 0.79 -3.22
CA SER A 149 -5.19 -0.16 -3.31
C SER A 149 -5.68 -1.51 -3.79
N ALA A 150 -5.23 -1.90 -4.99
CA ALA A 150 -5.67 -3.15 -5.60
C ALA A 150 -5.32 -4.33 -4.72
N PRO A 151 -6.20 -5.33 -4.67
CA PRO A 151 -6.06 -6.48 -3.77
C PRO A 151 -4.93 -7.46 -4.13
N VAL A 152 -4.50 -8.22 -3.13
CA VAL A 152 -3.44 -9.19 -3.32
C VAL A 152 -3.72 -10.17 -4.46
N SER A 153 -4.97 -10.56 -4.65
CA SER A 153 -5.29 -11.52 -5.69
C SER A 153 -4.94 -11.04 -7.10
N VAL A 154 -5.08 -9.74 -7.34
CA VAL A 154 -4.78 -9.21 -8.66
C VAL A 154 -3.33 -8.76 -8.82
N VAL A 155 -2.69 -8.39 -7.70
CA VAL A 155 -1.34 -7.85 -7.77
C VAL A 155 -0.25 -8.92 -7.71
N ALA A 156 -0.29 -9.73 -6.65
CA ALA A 156 0.80 -10.66 -6.35
C ALA A 156 1.20 -11.62 -7.48
N PRO A 157 0.23 -12.17 -8.24
CA PRO A 157 0.66 -13.16 -9.22
C PRO A 157 1.60 -12.62 -10.30
N ASN A 158 1.59 -11.30 -10.52
CA ASN A 158 2.47 -10.71 -11.50
C ASN A 158 3.94 -10.97 -11.23
N SER A 159 4.33 -10.96 -9.95
CA SER A 159 5.74 -11.21 -9.64
C SER A 159 6.16 -12.67 -9.82
N VAL A 160 5.23 -13.61 -9.58
CA VAL A 160 5.49 -15.01 -9.89
C VAL A 160 5.74 -15.17 -11.40
N LYS A 161 4.89 -14.54 -12.20
CA LYS A 161 5.03 -14.62 -13.65
C LYS A 161 6.38 -14.05 -14.09
N ALA A 162 6.77 -12.93 -13.48
CA ALA A 162 8.07 -12.32 -13.78
C ALA A 162 9.24 -13.22 -13.39
N ALA A 163 9.15 -13.85 -12.22
CA ALA A 163 10.23 -14.73 -11.76
C ALA A 163 10.41 -15.91 -12.72
N LEU A 164 9.30 -16.47 -13.20
CA LEU A 164 9.37 -17.58 -14.13
C LEU A 164 9.89 -17.16 -15.50
N LYS A 165 9.64 -15.92 -15.88
CA LYS A 165 10.19 -15.38 -17.13
C LYS A 165 11.72 -15.25 -17.00
N GLN A 166 12.18 -14.77 -15.84
CA GLN A 166 13.62 -14.63 -15.60
C GLN A 166 14.34 -15.97 -15.44
N ASN A 167 13.68 -16.94 -14.82
CA ASN A 167 14.22 -18.31 -14.75
C ASN A 167 13.13 -19.35 -14.97
N PRO A 168 12.93 -19.75 -16.23
CA PRO A 168 11.89 -20.69 -16.65
C PRO A 168 12.02 -22.07 -16.01
N ASN A 169 13.18 -22.37 -15.43
CA ASN A 169 13.41 -23.70 -14.88
C ASN A 169 13.26 -23.80 -13.36
N ILE A 170 12.67 -22.77 -12.76
CA ILE A 170 12.28 -22.83 -11.36
C ILE A 170 11.32 -24.01 -11.18
N LYS A 171 11.58 -24.85 -10.18
CA LYS A 171 10.71 -25.98 -9.91
C LYS A 171 10.21 -26.01 -8.46
N LYS A 172 11.12 -25.75 -7.53
CA LYS A 172 10.80 -25.81 -6.11
C LYS A 172 10.70 -24.41 -5.53
N VAL A 173 9.66 -24.19 -4.73
CA VAL A 173 9.40 -22.89 -4.15
C VAL A 173 9.25 -23.01 -2.63
N ALA A 174 9.92 -22.11 -1.90
CA ALA A 174 9.72 -21.99 -0.47
C ALA A 174 9.01 -20.67 -0.20
N VAL A 175 7.99 -20.71 0.65
CA VAL A 175 7.20 -19.54 0.99
C VAL A 175 7.34 -19.23 2.48
N PHE A 176 7.42 -17.94 2.80
CA PHE A 176 7.48 -17.47 4.19
C PHE A 176 6.37 -16.45 4.39
N PHE A 177 5.72 -16.46 5.54
CA PHE A 177 4.74 -15.41 5.83
C PHE A 177 4.67 -15.07 7.31
N ALA A 178 4.27 -13.83 7.57
CA ALA A 178 4.10 -13.32 8.93
C ALA A 178 2.72 -13.69 9.43
N GLN A 179 2.66 -14.67 10.33
CA GLN A 179 1.39 -15.22 10.75
C GLN A 179 0.59 -14.30 11.67
N ASN A 180 1.24 -13.25 12.18
CA ASN A 180 0.55 -12.30 13.06
C ASN A 180 -0.13 -11.16 12.31
N ASP A 181 -0.04 -11.14 10.99
CA ASP A 181 -0.48 -9.99 10.21
C ASP A 181 -1.54 -10.39 9.16
N ALA A 182 -2.68 -9.69 9.16
CA ALA A 182 -3.82 -10.06 8.32
C ALA A 182 -3.48 -10.02 6.84
N PHE A 183 -2.80 -8.97 6.40
CA PHE A 183 -2.38 -8.86 5.01
C PHE A 183 -1.44 -9.99 4.61
N SER A 184 -0.46 -10.29 5.46
CA SER A 184 0.53 -11.31 5.12
C SER A 184 -0.13 -12.67 4.95
N LYS A 185 -1.10 -12.98 5.81
CA LYS A 185 -1.84 -14.22 5.69
C LYS A 185 -2.64 -14.28 4.39
N SER A 186 -3.24 -13.17 4.01
CA SER A 186 -4.02 -13.11 2.79
C SER A 186 -3.13 -13.21 1.56
N GLU A 187 -2.02 -12.50 1.59
CA GLU A 187 -1.09 -12.48 0.46
C GLU A 187 -0.43 -13.85 0.25
N THR A 188 -0.04 -14.51 1.33
CA THR A 188 0.63 -15.79 1.18
C THR A 188 -0.28 -16.82 0.54
N GLU A 189 -1.58 -16.76 0.83
CA GLU A 189 -2.51 -17.67 0.19
C GLU A 189 -2.50 -17.48 -1.32
N ILE A 190 -2.47 -16.23 -1.77
CA ILE A 190 -2.38 -15.96 -3.20
C ILE A 190 -1.09 -16.54 -3.78
N PHE A 191 0.04 -16.27 -3.13
CA PHE A 191 1.31 -16.77 -3.66
C PHE A 191 1.34 -18.30 -3.71
N GLN A 192 0.84 -18.95 -2.67
CA GLN A 192 0.88 -20.42 -2.61
C GLN A 192 0.02 -21.02 -3.70
N GLN A 193 -1.19 -20.50 -3.86
CA GLN A 193 -2.06 -21.02 -4.91
C GLN A 193 -1.47 -20.74 -6.29
N THR A 194 -0.89 -19.54 -6.47
CA THR A 194 -0.35 -19.16 -7.76
C THR A 194 0.79 -20.09 -8.19
N VAL A 195 1.70 -20.38 -7.28
CA VAL A 195 2.83 -21.26 -7.56
CA VAL A 195 2.83 -21.24 -7.65
C VAL A 195 2.37 -22.67 -7.91
N LYS A 196 1.45 -23.18 -7.10
CA LYS A 196 0.96 -24.54 -7.34
C LYS A 196 0.22 -24.64 -8.66
N ASP A 197 -0.55 -23.61 -9.00
CA ASP A 197 -1.30 -23.60 -10.25
C ASP A 197 -0.37 -23.56 -11.47
N GLN A 198 0.84 -23.06 -11.28
CA GLN A 198 1.83 -23.00 -12.35
C GLN A 198 2.62 -24.30 -12.47
N GLY A 199 2.22 -25.32 -11.69
CA GLY A 199 2.88 -26.61 -11.75
C GLY A 199 4.14 -26.73 -10.91
N LEU A 200 4.40 -25.73 -10.06
CA LEU A 200 5.61 -25.74 -9.25
C LEU A 200 5.39 -26.53 -7.97
N GLU A 201 6.48 -26.96 -7.35
CA GLU A 201 6.41 -27.74 -6.13
C GLU A 201 6.64 -26.84 -4.92
N LEU A 202 5.62 -26.71 -4.09
CA LEU A 202 5.71 -25.92 -2.88
C LEU A 202 6.32 -26.80 -1.80
N VAL A 203 7.58 -26.56 -1.47
CA VAL A 203 8.30 -27.49 -0.60
C VAL A 203 8.11 -27.20 0.88
N THR A 204 7.83 -25.94 1.20
CA THR A 204 7.61 -25.54 2.58
C THR A 204 6.88 -24.21 2.66
N VAL A 205 6.08 -24.04 3.70
CA VAL A 205 5.55 -22.74 4.09
C VAL A 205 6.06 -22.50 5.50
N GLN A 206 6.91 -21.48 5.65
CA GLN A 206 7.54 -21.16 6.93
C GLN A 206 6.84 -19.96 7.54
N LYS A 207 6.59 -20.01 8.84
CA LYS A 207 5.95 -18.92 9.55
C LYS A 207 6.96 -18.09 10.33
N PHE A 208 6.70 -16.79 10.39
CA PHE A 208 7.43 -15.89 11.27
C PHE A 208 6.47 -14.82 11.80
N GLN A 209 6.98 -13.92 12.63
CA GLN A 209 6.20 -12.79 13.12
C GLN A 209 6.86 -11.51 12.61
N THR A 210 6.05 -10.49 12.32
CA THR A 210 6.59 -9.22 11.86
C THR A 210 7.57 -8.59 12.86
N THR A 211 7.48 -9.03 14.12
CA THR A 211 8.28 -8.48 15.20
C THR A 211 9.59 -9.26 15.43
N ASP A 212 9.74 -10.38 14.74
CA ASP A 212 10.92 -11.22 14.88
C ASP A 212 12.16 -10.52 14.36
N THR A 213 13.32 -10.92 14.88
CA THR A 213 14.60 -10.42 14.38
C THR A 213 15.50 -11.55 13.91
N ASP A 214 15.19 -12.77 14.35
CA ASP A 214 16.01 -13.95 14.03
C ASP A 214 15.19 -14.92 13.19
N PHE A 215 15.67 -15.22 11.99
CA PHE A 215 14.97 -16.14 11.09
C PHE A 215 15.83 -17.34 10.71
N GLN A 216 16.86 -17.60 11.49
CA GLN A 216 17.84 -18.62 11.12
C GLN A 216 17.23 -20.01 10.93
N SER A 217 16.38 -20.42 11.86
CA SER A 217 15.81 -21.77 11.79
C SER A 217 14.90 -21.95 10.58
N GLN A 218 14.04 -20.98 10.31
CA GLN A 218 13.14 -21.06 9.16
C GLN A 218 13.93 -21.02 7.86
N ALA A 219 14.90 -20.12 7.79
CA ALA A 219 15.71 -19.97 6.58
C ALA A 219 16.48 -21.26 6.31
N THR A 220 17.08 -21.83 7.35
CA THR A 220 17.83 -23.08 7.21
C THR A 220 16.94 -24.23 6.77
N ASN A 221 15.77 -24.34 7.38
CA ASN A 221 14.86 -25.42 7.03
C ASN A 221 14.39 -25.32 5.59
N ALA A 222 14.18 -24.09 5.13
CA ALA A 222 13.78 -23.88 3.74
C ALA A 222 14.95 -24.22 2.81
N ILE A 223 16.13 -23.69 3.12
CA ILE A 223 17.32 -23.94 2.32
C ILE A 223 17.61 -25.44 2.16
N ASN A 224 17.41 -26.19 3.23
CA ASN A 224 17.65 -27.63 3.20
C ASN A 224 16.73 -28.37 2.22
N LEU A 225 15.60 -27.75 1.87
CA LEU A 225 14.65 -28.34 0.93
C LEU A 225 14.91 -27.91 -0.51
N LYS A 226 16.01 -27.19 -0.72
CA LYS A 226 16.53 -26.84 -2.04
C LYS A 226 15.58 -26.06 -2.96
N PRO A 227 15.04 -24.94 -2.49
CA PRO A 227 14.16 -24.16 -3.37
C PRO A 227 14.93 -23.42 -4.46
N ASP A 228 14.24 -23.17 -5.57
CA ASP A 228 14.77 -22.35 -6.67
C ASP A 228 14.22 -20.93 -6.56
N LEU A 229 13.13 -20.77 -5.81
CA LEU A 229 12.45 -19.48 -5.66
C LEU A 229 11.97 -19.40 -4.22
N VAL A 230 12.15 -18.23 -3.61
CA VAL A 230 11.66 -17.96 -2.27
C VAL A 230 10.71 -16.76 -2.36
N ILE A 231 9.57 -16.85 -1.67
CA ILE A 231 8.60 -15.77 -1.65
C ILE A 231 8.36 -15.37 -0.20
N ILE A 232 8.38 -14.06 0.06
CA ILE A 232 8.24 -13.56 1.43
C ILE A 232 7.06 -12.60 1.53
N SER A 233 6.10 -12.94 2.40
CA SER A 233 5.00 -12.02 2.73
C SER A 233 5.16 -11.57 4.17
N GLY A 234 5.69 -10.37 4.36
CA GLY A 234 5.78 -9.74 5.66
C GLY A 234 5.77 -8.24 5.45
N LEU A 235 6.29 -7.50 6.42
CA LEU A 235 6.45 -6.06 6.25
C LEU A 235 7.92 -5.77 5.95
N ALA A 236 8.35 -4.52 6.10
CA ALA A 236 9.63 -4.12 5.53
C ALA A 236 10.83 -4.43 6.43
N ALA A 237 10.76 -4.06 7.70
CA ALA A 237 11.86 -4.34 8.62
C ALA A 237 12.11 -5.85 8.74
N ASP A 238 11.02 -6.60 8.95
CA ASP A 238 11.11 -8.05 9.05
C ASP A 238 11.48 -8.68 7.71
N GLY A 239 10.77 -8.30 6.64
CA GLY A 239 11.05 -8.86 5.33
C GLY A 239 12.47 -8.64 4.87
N GLY A 240 12.97 -7.43 5.05
CA GLY A 240 14.33 -7.12 4.60
C GLY A 240 15.38 -7.90 5.38
N ASN A 241 15.15 -8.10 6.68
CA ASN A 241 16.08 -8.89 7.46
C ASN A 241 16.03 -10.38 7.14
N LEU A 242 14.85 -10.88 6.79
CA LEU A 242 14.73 -12.25 6.32
C LEU A 242 15.47 -12.45 5.00
N VAL A 243 15.36 -11.48 4.09
CA VAL A 243 16.15 -11.52 2.86
C VAL A 243 17.65 -11.64 3.17
N ARG A 244 18.14 -10.79 4.08
CA ARG A 244 19.55 -10.83 4.44
C ARG A 244 19.94 -12.19 4.99
N GLN A 245 19.12 -12.72 5.88
CA GLN A 245 19.51 -13.96 6.55
C GLN A 245 19.48 -15.16 5.61
N LEU A 246 18.56 -15.16 4.64
CA LEU A 246 18.56 -16.18 3.60
C LEU A 246 19.85 -16.13 2.79
N ARG A 247 20.20 -14.94 2.32
CA ARG A 247 21.41 -14.78 1.52
C ARG A 247 22.65 -15.18 2.32
N GLU A 248 22.68 -14.79 3.60
CA GLU A 248 23.83 -15.08 4.44
C GLU A 248 24.01 -16.56 4.77
N LEU A 249 22.92 -17.31 4.70
CA LEU A 249 22.96 -18.76 4.90
C LEU A 249 23.20 -19.50 3.59
N GLY A 250 23.49 -18.76 2.52
CA GLY A 250 23.90 -19.35 1.26
C GLY A 250 22.83 -19.55 0.21
N TYR A 251 21.63 -19.02 0.44
CA TYR A 251 20.59 -19.11 -0.58
C TYR A 251 20.91 -18.19 -1.75
N GLN A 252 21.00 -18.76 -2.95
CA GLN A 252 21.40 -18.02 -4.13
C GLN A 252 20.30 -17.87 -5.18
N GLY A 253 19.13 -18.46 -4.92
CA GLY A 253 18.05 -18.44 -5.88
C GLY A 253 17.26 -17.13 -5.93
N ALA A 254 16.16 -17.15 -6.69
CA ALA A 254 15.35 -15.95 -6.87
C ALA A 254 14.55 -15.65 -5.61
N ILE A 255 14.25 -14.37 -5.39
CA ILE A 255 13.41 -13.94 -4.28
C ILE A 255 12.34 -12.99 -4.76
N ILE A 256 11.10 -13.27 -4.38
CA ILE A 256 10.00 -12.35 -4.53
C ILE A 256 9.66 -11.78 -3.16
N GLY A 257 9.54 -10.45 -3.09
CA GLY A 257 8.99 -9.82 -1.91
C GLY A 257 7.55 -9.43 -2.19
N GLY A 258 6.66 -9.66 -1.24
CA GLY A 258 5.31 -9.15 -1.31
C GLY A 258 5.21 -7.66 -1.08
N ASP A 259 3.98 -7.15 -1.05
CA ASP A 259 3.74 -5.71 -1.03
C ASP A 259 4.24 -5.04 0.26
N GLY A 260 4.41 -5.81 1.33
CA GLY A 260 4.90 -5.24 2.57
C GLY A 260 6.36 -4.84 2.51
N LEU A 261 7.08 -5.37 1.52
CA LEU A 261 8.49 -5.01 1.31
C LEU A 261 8.61 -3.89 0.29
N ASN A 262 7.48 -3.44 -0.25
CA ASN A 262 7.48 -2.56 -1.40
C ASN A 262 7.64 -1.11 -1.03
N THR A 263 8.76 -0.79 -0.39
CA THR A 263 9.03 0.57 0.01
C THR A 263 10.51 0.85 -0.18
N SER A 264 10.82 2.06 -0.62
CA SER A 264 12.20 2.46 -0.78
C SER A 264 12.98 2.41 0.55
N ASN A 265 12.26 2.40 1.66
CA ASN A 265 12.91 2.28 2.96
C ASN A 265 13.41 0.87 3.28
N VAL A 266 13.07 -0.11 2.45
CA VAL A 266 13.60 -1.44 2.65
C VAL A 266 15.07 -1.51 2.21
N PHE A 267 15.51 -0.57 1.36
CA PHE A 267 16.86 -0.64 0.80
C PHE A 267 17.91 -0.56 1.91
N ALA A 268 17.62 0.24 2.93
CA ALA A 268 18.53 0.40 4.05
C ALA A 268 18.48 -0.77 5.02
N VAL A 269 17.47 -1.63 4.87
CA VAL A 269 17.36 -2.83 5.70
C VAL A 269 18.20 -3.96 5.11
N CYS A 270 17.89 -4.40 3.89
CA CYS A 270 18.66 -5.49 3.31
C CYS A 270 19.96 -5.06 2.63
N LYS A 271 20.10 -3.76 2.35
CA LYS A 271 21.33 -3.21 1.78
C LYS A 271 21.70 -3.94 0.48
N ALA A 272 22.96 -4.29 0.26
CA ALA A 272 23.32 -4.93 -1.01
C ALA A 272 22.55 -6.22 -1.23
N LEU A 273 22.15 -6.88 -0.14
CA LEU A 273 21.43 -8.14 -0.25
C LEU A 273 19.98 -7.98 -0.75
N CYS A 274 19.48 -6.75 -0.85
CA CYS A 274 18.18 -6.50 -1.50
C CYS A 274 18.25 -6.75 -3.01
N ASP A 275 19.46 -6.73 -3.58
CA ASP A 275 19.58 -6.67 -5.03
C ASP A 275 18.92 -7.85 -5.73
N GLY A 276 18.05 -7.56 -6.71
CA GLY A 276 17.42 -8.61 -7.49
C GLY A 276 16.06 -9.07 -6.98
N VAL A 277 15.67 -8.63 -5.79
CA VAL A 277 14.36 -8.99 -5.27
C VAL A 277 13.26 -8.44 -6.19
N LEU A 278 12.30 -9.28 -6.54
CA LEU A 278 11.20 -8.91 -7.43
C LEU A 278 9.97 -8.56 -6.62
N ILE A 279 9.35 -7.42 -6.94
CA ILE A 279 8.17 -6.96 -6.21
C ILE A 279 7.13 -6.40 -7.20
N ALA A 280 5.94 -6.98 -7.19
CA ALA A 280 4.85 -6.52 -8.05
C ALA A 280 4.43 -5.09 -7.69
N GLN A 281 3.89 -4.37 -8.67
CA GLN A 281 3.58 -2.94 -8.50
C GLN A 281 2.20 -2.61 -9.06
N ALA A 282 1.51 -1.73 -8.35
CA ALA A 282 0.21 -1.22 -8.78
C ALA A 282 0.31 0.22 -9.27
N TYR A 283 1.52 0.64 -9.63
CA TYR A 283 1.80 2.01 -10.04
C TYR A 283 3.03 2.01 -10.92
N SER A 284 3.00 2.80 -12.00
CA SER A 284 4.18 3.06 -12.82
C SER A 284 4.49 4.57 -12.89
N PRO A 285 5.70 4.97 -12.46
CA PRO A 285 6.08 6.39 -12.56
C PRO A 285 5.97 6.93 -13.98
N GLU A 286 6.07 6.07 -14.98
CA GLU A 286 6.08 6.53 -16.37
C GLU A 286 4.70 6.77 -16.99
N TYR A 287 3.62 6.44 -16.29
CA TYR A 287 2.28 6.68 -16.83
C TYR A 287 2.12 8.16 -17.19
N THR A 288 1.58 8.41 -18.38
CA THR A 288 1.60 9.75 -18.97
C THR A 288 0.38 10.63 -18.68
N GLY A 289 -0.49 10.20 -17.76
CA GLY A 289 -1.54 11.08 -17.28
C GLY A 289 -1.00 12.39 -16.73
N GLU A 290 -1.72 13.50 -16.96
CA GLU A 290 -1.30 14.82 -16.50
C GLU A 290 -1.06 14.87 -15.00
N ILE A 291 -1.99 14.30 -14.23
CA ILE A 291 -1.85 14.31 -12.78
C ILE A 291 -0.63 13.47 -12.38
N ASN A 292 -0.41 12.32 -13.00
CA ASN A 292 0.78 11.55 -12.68
C ASN A 292 2.06 12.32 -13.00
N LYS A 293 2.09 13.00 -14.13
CA LYS A 293 3.28 13.77 -14.50
C LYS A 293 3.57 14.84 -13.45
N ALA A 294 2.52 15.53 -12.99
CA ALA A 294 2.69 16.56 -11.97
C ALA A 294 3.14 15.97 -10.63
N PHE A 295 2.50 14.89 -10.23
CA PHE A 295 2.86 14.17 -9.00
C PHE A 295 4.31 13.71 -9.05
N ARG A 296 4.69 13.08 -10.16
CA ARG A 296 6.05 12.59 -10.33
C ARG A 296 7.07 13.72 -10.25
N GLN A 297 6.80 14.83 -10.95
CA GLN A 297 7.70 15.97 -10.94
C GLN A 297 7.88 16.52 -9.52
N ALA A 298 6.79 16.64 -8.78
CA ALA A 298 6.86 17.14 -7.41
C ALA A 298 7.65 16.19 -6.52
N TYR A 299 7.43 14.90 -6.70
CA TYR A 299 8.13 13.90 -5.88
C TYR A 299 9.64 13.94 -6.15
N VAL A 300 10.00 13.94 -7.43
CA VAL A 300 11.41 13.96 -7.81
C VAL A 300 12.08 15.25 -7.32
N ASP A 301 11.37 16.37 -7.41
CA ASP A 301 11.92 17.64 -6.95
C ASP A 301 12.23 17.61 -5.45
N GLN A 302 11.37 16.96 -4.67
CA GLN A 302 11.52 16.92 -3.22
C GLN A 302 12.49 15.84 -2.73
N TYR A 303 12.45 14.67 -3.36
CA TYR A 303 13.12 13.48 -2.84
C TYR A 303 14.27 12.95 -3.69
N LYS A 304 14.38 13.47 -4.91
CA LYS A 304 15.49 13.14 -5.81
C LYS A 304 15.50 11.64 -6.15
N LYS A 305 14.31 11.06 -6.21
CA LYS A 305 14.11 9.68 -6.59
C LYS A 305 12.74 9.58 -7.22
N GLU A 306 12.48 8.50 -7.95
CA GLU A 306 11.16 8.30 -8.55
C GLU A 306 10.14 8.02 -7.47
N PRO A 307 8.89 8.46 -7.68
CA PRO A 307 7.84 8.14 -6.70
C PRO A 307 7.57 6.66 -6.58
N PRO A 308 7.43 6.16 -5.36
CA PRO A 308 7.10 4.75 -5.16
C PRO A 308 5.59 4.54 -5.06
N GLN A 309 5.18 3.29 -5.18
CA GLN A 309 3.77 2.93 -5.16
C GLN A 309 2.97 3.53 -4.02
N PHE A 310 3.48 3.41 -2.79
CA PHE A 310 2.68 3.83 -1.66
C PHE A 310 2.42 5.34 -1.66
N SER A 311 3.38 6.10 -2.18
CA SER A 311 3.19 7.55 -2.29
C SER A 311 2.10 7.86 -3.33
N ALA A 312 2.14 7.15 -4.46
CA ALA A 312 1.16 7.32 -5.53
C ALA A 312 -0.24 6.95 -5.05
N GLN A 313 -0.34 5.86 -4.29
CA GLN A 313 -1.63 5.41 -3.79
C GLN A 313 -2.22 6.37 -2.77
N ALA A 314 -1.36 6.91 -1.91
CA ALA A 314 -1.83 7.91 -0.94
C ALA A 314 -2.31 9.18 -1.65
N PHE A 315 -1.56 9.62 -2.66
CA PHE A 315 -1.99 10.75 -3.49
C PHE A 315 -3.36 10.48 -4.11
N ALA A 316 -3.52 9.29 -4.68
CA ALA A 316 -4.76 8.92 -5.33
C ALA A 316 -5.95 8.97 -4.35
N ALA A 317 -5.73 8.55 -3.11
CA ALA A 317 -6.80 8.58 -2.11
C ALA A 317 -7.23 10.02 -1.82
N VAL A 318 -6.26 10.91 -1.67
CA VAL A 318 -6.60 12.32 -1.49
C VAL A 318 -7.34 12.87 -2.71
N GLN A 319 -6.86 12.52 -3.90
CA GLN A 319 -7.50 12.94 -5.15
C GLN A 319 -8.96 12.52 -5.22
N VAL A 320 -9.25 11.29 -4.80
CA VAL A 320 -10.63 10.81 -4.78
C VAL A 320 -11.52 11.72 -3.92
N TYR A 321 -11.02 12.10 -2.75
CA TYR A 321 -11.77 13.03 -1.90
C TYR A 321 -11.93 14.41 -2.53
N VAL A 322 -10.83 14.96 -3.07
CA VAL A 322 -10.88 16.31 -3.64
C VAL A 322 -11.88 16.37 -4.81
N GLU A 323 -11.78 15.42 -5.73
CA GLU A 323 -12.65 15.44 -6.89
C GLU A 323 -14.11 15.16 -6.53
N SER A 324 -14.34 14.33 -5.52
CA SER A 324 -15.69 14.08 -5.04
C SER A 324 -16.28 15.32 -4.35
N LEU A 325 -15.47 16.00 -3.54
CA LEU A 325 -15.89 17.26 -2.93
C LEU A 325 -16.23 18.31 -4.01
N LYS A 326 -15.42 18.38 -5.07
CA LYS A 326 -15.73 19.29 -6.18
C LYS A 326 -17.06 18.97 -6.83
N ALA A 327 -17.34 17.68 -7.03
CA ALA A 327 -18.61 17.25 -7.63
C ALA A 327 -19.79 17.70 -6.75
N LEU A 328 -19.68 17.51 -5.44
CA LEU A 328 -20.72 17.96 -4.52
C LEU A 328 -20.88 19.47 -4.55
N ASP A 329 -19.73 20.15 -4.55
CA ASP A 329 -19.68 21.60 -4.43
C ASP A 329 -20.37 22.32 -5.58
N THR A 330 -20.34 21.72 -6.77
CA THR A 330 -20.97 22.35 -7.93
C THR A 330 -22.50 22.41 -7.77
N LYS A 331 -23.06 21.52 -6.97
CA LYS A 331 -24.50 21.51 -6.72
C LYS A 331 -24.87 22.26 -5.45
N ASN A 332 -24.05 22.11 -4.40
CA ASN A 332 -24.24 22.81 -3.14
C ASN A 332 -22.88 23.13 -2.53
N LYS A 333 -22.66 24.38 -2.16
CA LYS A 333 -21.37 24.78 -1.59
C LYS A 333 -21.00 23.96 -0.36
N VAL A 334 -19.88 23.24 -0.47
CA VAL A 334 -19.45 22.29 0.55
C VAL A 334 -19.19 22.98 1.90
N SER A 335 -18.68 24.20 1.86
CA SER A 335 -18.38 24.94 3.07
C SER A 335 -19.64 25.26 3.89
N LYS A 336 -20.80 25.09 3.28
CA LYS A 336 -22.07 25.35 3.93
C LYS A 336 -22.90 24.09 4.25
N ILE A 337 -22.34 22.92 3.95
CA ILE A 337 -23.01 21.67 4.29
C ILE A 337 -22.62 21.22 5.69
N GLN A 338 -23.60 20.93 6.53
CA GLN A 338 -23.33 20.44 7.88
C GLN A 338 -22.58 19.12 7.84
N LEU A 339 -21.70 18.92 8.82
CA LEU A 339 -20.77 17.80 8.81
C LEU A 339 -21.37 16.40 8.63
N PRO A 340 -22.42 16.05 9.40
CA PRO A 340 -22.95 14.69 9.24
C PRO A 340 -23.50 14.44 7.83
N GLU A 341 -24.21 15.42 7.29
CA GLU A 341 -24.69 15.34 5.92
C GLU A 341 -23.54 15.27 4.92
N LEU A 342 -22.52 16.10 5.13
CA LEU A 342 -21.41 16.16 4.19
C LEU A 342 -20.71 14.81 4.13
N ARG A 343 -20.50 14.20 5.30
CA ARG A 343 -19.87 12.89 5.37
C ARG A 343 -20.64 11.83 4.59
N THR A 344 -21.95 11.78 4.79
CA THR A 344 -22.73 10.76 4.08
C THR A 344 -22.77 11.04 2.58
N GLU A 345 -22.89 12.30 2.19
CA GLU A 345 -22.92 12.65 0.78
C GLU A 345 -21.58 12.40 0.09
N LEU A 346 -20.50 12.67 0.82
CA LEU A 346 -19.16 12.45 0.30
C LEU A 346 -18.90 10.97 0.04
N ASN A 347 -19.31 10.12 0.99
CA ASN A 347 -19.18 8.68 0.83
C ASN A 347 -19.96 8.20 -0.40
N LYS A 348 -21.20 8.65 -0.52
CA LYS A 348 -22.02 8.26 -1.66
C LYS A 348 -21.40 8.71 -2.98
N GLN A 349 -20.94 9.95 -3.00
CA GLN A 349 -20.35 10.51 -4.21
C GLN A 349 -19.08 9.78 -4.65
N LEU A 350 -18.16 9.56 -3.71
CA LEU A 350 -16.87 9.02 -4.09
C LEU A 350 -17.01 7.65 -4.75
N LEU A 351 -17.99 6.87 -4.30
CA LEU A 351 -18.23 5.54 -4.88
C LEU A 351 -18.68 5.60 -6.34
N THR A 352 -19.22 6.73 -6.77
CA THR A 352 -19.73 6.84 -8.13
C THR A 352 -18.72 7.47 -9.08
N GLY A 353 -17.63 8.00 -8.55
CA GLY A 353 -16.70 8.77 -9.37
C GLY A 353 -15.77 7.92 -10.23
N LYS A 354 -15.23 8.55 -11.26
CA LYS A 354 -14.17 7.97 -12.07
C LYS A 354 -13.01 8.97 -12.02
N TYR A 355 -11.79 8.45 -11.89
CA TYR A 355 -10.66 9.30 -11.55
C TYR A 355 -9.45 8.93 -12.37
N ASN A 356 -8.79 9.93 -12.94
CA ASN A 356 -7.54 9.71 -13.65
C ASN A 356 -6.40 10.09 -12.72
N THR A 357 -5.82 9.08 -12.08
CA THR A 357 -4.94 9.28 -10.94
C THR A 357 -3.52 8.89 -11.32
N PRO A 358 -2.56 8.99 -10.39
CA PRO A 358 -1.22 8.45 -10.71
C PRO A 358 -1.27 6.97 -11.06
N LEU A 359 -2.27 6.27 -10.52
CA LEU A 359 -2.44 4.83 -10.75
C LEU A 359 -3.12 4.50 -12.08
N GLY A 360 -3.40 5.52 -12.87
CA GLY A 360 -4.22 5.36 -14.06
C GLY A 360 -5.68 5.66 -13.77
N GLU A 361 -6.55 5.29 -14.71
CA GLU A 361 -7.97 5.50 -14.55
C GLU A 361 -8.51 4.46 -13.58
N ILE A 362 -9.20 4.92 -12.54
CA ILE A 362 -9.80 4.01 -11.58
C ILE A 362 -11.25 4.40 -11.30
N SER A 363 -11.98 3.45 -10.75
CA SER A 363 -13.37 3.63 -10.33
C SER A 363 -13.61 2.60 -9.24
N PHE A 364 -14.83 2.55 -8.72
CA PHE A 364 -15.15 1.64 -7.62
C PHE A 364 -16.29 0.69 -7.97
N THR A 365 -16.28 -0.48 -7.35
CA THR A 365 -17.44 -1.35 -7.36
C THR A 365 -18.42 -0.86 -6.29
N PRO A 366 -19.63 -1.42 -6.24
CA PRO A 366 -20.60 -0.86 -5.29
C PRO A 366 -20.21 -0.98 -3.83
N ILE A 367 -19.27 -1.87 -3.51
CA ILE A 367 -18.80 -2.00 -2.13
C ILE A 367 -17.45 -1.36 -1.89
N GLY A 368 -16.97 -0.56 -2.83
CA GLY A 368 -15.74 0.18 -2.60
C GLY A 368 -14.46 -0.53 -2.96
N GLU A 369 -14.54 -1.64 -3.69
CA GLU A 369 -13.35 -2.23 -4.28
C GLU A 369 -12.88 -1.37 -5.45
N VAL A 370 -11.57 -1.28 -5.63
CA VAL A 370 -11.04 -0.52 -6.74
C VAL A 370 -11.14 -1.31 -8.04
N VAL A 371 -11.39 -0.59 -9.13
CA VAL A 371 -11.35 -1.17 -10.46
C VAL A 371 -10.05 -0.67 -11.10
N GLN A 372 -9.12 -1.61 -11.29
CA GLN A 372 -7.79 -1.33 -11.82
C GLN A 372 -7.31 -2.62 -12.52
N LYS A 373 -6.78 -2.50 -13.73
CA LYS A 373 -6.41 -3.67 -14.52
C LYS A 373 -4.93 -3.71 -14.90
N ASP A 374 -4.24 -2.56 -14.84
CA ASP A 374 -2.82 -2.48 -15.21
C ASP A 374 -1.85 -2.59 -14.02
N PHE A 375 -0.98 -3.58 -14.10
CA PHE A 375 0.00 -3.87 -13.04
C PHE A 375 1.37 -4.08 -13.64
N TYR A 376 2.39 -4.05 -12.81
CA TYR A 376 3.78 -4.04 -13.26
C TYR A 376 4.60 -4.86 -12.29
N VAL A 377 5.86 -5.08 -12.61
CA VAL A 377 6.79 -5.68 -11.66
C VAL A 377 8.09 -4.89 -11.70
N ALA A 378 8.69 -4.67 -10.52
CA ALA A 378 9.99 -4.02 -10.46
C ALA A 378 10.97 -4.94 -9.75
N GLN A 379 12.24 -4.67 -9.96
CA GLN A 379 13.31 -5.44 -9.36
C GLN A 379 14.24 -4.46 -8.64
N ILE A 380 14.61 -4.76 -7.40
CA ILE A 380 15.48 -3.86 -6.67
C ILE A 380 16.88 -3.89 -7.26
N LYS A 381 17.41 -2.70 -7.56
CA LYS A 381 18.78 -2.57 -8.02
C LYS A 381 19.56 -1.73 -7.03
N MSE A 382 20.56 -2.33 -6.39
CA MSE A 382 21.36 -1.65 -5.38
C MSE A 382 22.67 -1.14 -5.98
O MSE A 382 23.17 -1.69 -6.96
CB MSE A 382 21.68 -2.61 -4.23
CG MSE A 382 20.46 -3.13 -3.49
SE MSE A 382 19.32 -1.75 -2.71
CE MSE A 382 20.64 -0.97 -1.51
N GLU A 383 23.22 -0.08 -5.39
CA GLU A 383 24.48 0.53 -5.82
C GLU A 383 25.30 1.03 -4.63
N LYS A 384 26.56 1.38 -4.92
CA LYS A 384 27.47 2.00 -3.94
C LYS A 384 27.61 1.18 -2.67
N ASP A 385 28.01 -0.09 -2.84
CA ASP A 385 28.16 -1.02 -1.72
C ASP A 385 26.94 -1.04 -0.81
N GLY A 386 25.77 -1.16 -1.42
CA GLY A 386 24.54 -1.37 -0.69
C GLY A 386 23.95 -0.13 -0.06
N SER A 387 24.50 1.04 -0.36
CA SER A 387 24.10 2.24 0.35
C SER A 387 22.93 3.01 -0.26
N GLN A 388 22.63 2.74 -1.53
CA GLN A 388 21.52 3.39 -2.21
C GLN A 388 20.93 2.39 -3.21
N GLY A 389 19.65 2.54 -3.53
CA GLY A 389 19.03 1.63 -4.47
C GLY A 389 17.85 2.26 -5.17
N LYS A 390 17.26 1.51 -6.07
CA LYS A 390 16.10 1.96 -6.84
C LYS A 390 15.26 0.76 -7.26
N PHE A 391 13.99 1.03 -7.56
CA PHE A 391 13.11 0.03 -8.16
C PHE A 391 13.21 0.15 -9.67
N THR A 392 13.77 -0.86 -10.32
CA THR A 392 13.85 -0.86 -11.78
C THR A 392 12.69 -1.64 -12.34
N PHE A 393 11.87 -0.98 -13.17
CA PHE A 393 10.70 -1.63 -13.73
C PHE A 393 11.05 -2.58 -14.85
N LEU A 394 10.49 -3.78 -14.79
CA LEU A 394 10.62 -4.73 -15.87
C LEU A 394 9.71 -4.30 -17.00
N LYS A 395 10.16 -4.50 -18.23
CA LYS A 395 9.39 -4.07 -19.40
C LYS A 395 8.22 -5.01 -19.65
N PRO B . -0.70 -3.83 1.82
CA PRO B . -0.31 -4.17 3.18
C PRO B . -1.55 -4.31 4.03
O PRO B . -1.45 -4.34 5.26
CB PRO B . 0.51 -2.96 3.62
CG PRO B . 1.15 -2.50 2.34
CD PRO B . 0.32 -3.01 1.17
OXT PRO B . -2.64 -4.40 3.45
MG MG C . -17.29 -1.01 1.36
C1 GOL D . 9.71 9.70 0.98
O1 GOL D . 8.73 8.87 0.39
C2 GOL D . 10.54 8.80 1.87
O2 GOL D . 11.69 9.48 2.30
C3 GOL D . 9.66 8.39 3.04
O3 GOL D . 10.40 7.61 3.95
C FMT E . 10.30 9.83 6.00
O1 FMT E . 9.78 10.72 6.65
O2 FMT E . 10.80 8.80 6.48
#